data_1Y52
#
_entry.id   1Y52
#
_cell.length_a   80.963
_cell.length_b   80.963
_cell.length_c   140.698
_cell.angle_alpha   90.00
_cell.angle_beta   90.00
_cell.angle_gamma   90.00
#
_symmetry.space_group_name_H-M   'P 41 21 2'
#
loop_
_entity.id
_entity.type
_entity.pdbx_description
1 polymer 'Avidin-related protein 4/5'
2 non-polymer 2-acetamido-2-deoxy-beta-D-glucopyranose
3 non-polymer BIOTIN
4 water water
#
_entity_poly.entity_id   1
_entity_poly.type   'polypeptide(L)'
_entity_poly.pdbx_seq_one_letter_code
;ARKCSLTGKWTNNLGSIMTIRAVNSRGEFTGTYLTAVADNPGNITLSPLLGIQHKRASQPTFGFTVHWNFSESTTVFTGQ
CFIDRNGKEVLKTMWLLRSSVNDISYDWKATRVGYNNFTRLSTVEE
;
_entity_poly.pdbx_strand_id   X,Y
#
# COMPACT_ATOMS: atom_id res chain seq x y z
N LYS A 3 17.25 15.11 6.38
CA LYS A 3 16.46 13.82 6.38
C LYS A 3 14.95 14.03 6.65
N CYS A 4 14.17 13.05 6.20
CA CYS A 4 12.70 13.12 6.06
C CYS A 4 12.07 11.90 6.72
N SER A 5 11.91 11.90 8.04
CA SER A 5 11.31 10.77 8.72
C SER A 5 9.80 10.96 8.58
N LEU A 6 9.06 9.86 8.51
CA LEU A 6 7.61 9.92 8.42
C LEU A 6 6.99 10.07 9.81
N THR A 7 7.77 9.74 10.85
CA THR A 7 7.29 9.84 12.23
C THR A 7 6.73 11.23 12.52
N GLY A 8 5.53 11.26 13.09
CA GLY A 8 4.88 12.51 13.43
C GLY A 8 3.41 12.55 13.04
N LYS A 9 2.84 13.74 13.12
CA LYS A 9 1.46 13.98 12.77
C LYS A 9 1.43 14.79 11.50
N TRP A 10 0.45 14.49 10.65
CA TRP A 10 0.33 15.05 9.32
C TRP A 10 -1.12 15.35 9.02
N THR A 11 -1.39 16.41 8.26
CA THR A 11 -2.73 16.64 7.71
C THR A 11 -2.64 16.70 6.19
N ASN A 12 -3.72 16.35 5.52
CA ASN A 12 -3.73 16.46 4.05
C ASN A 12 -4.71 17.48 3.55
N ASN A 13 -4.75 17.65 2.23
CA ASN A 13 -5.56 18.65 1.57
C ASN A 13 -7.07 18.47 1.71
N LEU A 14 -7.51 17.27 2.11
CA LEU A 14 -8.91 17.02 2.41
C LEU A 14 -9.27 17.26 3.87
N GLY A 15 -8.27 17.49 4.72
CA GLY A 15 -8.45 17.61 6.17
C GLY A 15 -8.27 16.34 7.00
N SER A 16 -7.86 15.25 6.36
CA SER A 16 -7.57 14.04 7.07
C SER A 16 -6.31 14.19 7.93
N ILE A 17 -6.29 13.44 9.02
CA ILE A 17 -5.20 13.48 9.97
C ILE A 17 -4.58 12.11 10.08
N MET A 18 -3.25 12.06 10.04
CA MET A 18 -2.53 10.81 10.14
C MET A 18 -1.39 10.94 11.15
N THR A 19 -1.21 9.91 11.94
CA THR A 19 -0.06 9.81 12.85
C THR A 19 0.79 8.63 12.48
N ILE A 20 2.08 8.84 12.31
CA ILE A 20 3.04 7.76 12.08
C ILE A 20 3.97 7.64 13.30
N ARG A 21 4.08 6.42 13.80
CA ARG A 21 4.87 6.15 15.01
C ARG A 21 6.31 5.88 14.59
N ALA A 22 7.08 5.20 15.44
CA ALA A 22 8.51 5.05 15.18
C ALA A 22 8.78 4.21 13.94
N VAL A 23 9.72 4.64 13.13
CA VAL A 23 10.15 3.88 11.96
C VAL A 23 11.33 3.00 12.38
N ASN A 24 11.21 1.70 12.22
CA ASN A 24 12.26 0.79 12.67
C ASN A 24 13.45 0.77 11.68
N SER A 25 14.44 -0.08 11.95
CA SER A 25 15.66 -0.10 11.13
C SER A 25 15.44 -0.61 9.71
N ARG A 26 14.36 -1.37 9.51
CA ARG A 26 13.95 -1.82 8.16
C ARG A 26 13.01 -0.81 7.41
N GLY A 27 12.76 0.36 8.00
CA GLY A 27 11.85 1.34 7.40
C GLY A 27 10.38 1.08 7.66
N GLU A 28 10.05 0.12 8.51
CA GLU A 28 8.65 -0.24 8.74
C GLU A 28 8.04 0.67 9.80
N PHE A 29 6.74 0.94 9.68
CA PHE A 29 6.05 1.82 10.62
C PHE A 29 4.56 1.50 10.73
N THR A 30 4.00 1.82 11.90
CA THR A 30 2.57 1.73 12.14
C THR A 30 2.06 3.15 12.32
N GLY A 31 0.76 3.27 12.33
CA GLY A 31 0.12 4.54 12.58
C GLY A 31 -1.37 4.45 12.62
N THR A 32 -1.98 5.62 12.66
CA THR A 32 -3.42 5.77 12.60
C THR A 32 -3.79 6.86 11.60
N TYR A 33 -5.02 6.78 11.13
CA TYR A 33 -5.54 7.64 10.08
C TYR A 33 -7.00 7.97 10.40
N LEU A 34 -7.32 9.26 10.51
CA LEU A 34 -8.68 9.75 10.66
C LEU A 34 -9.07 10.50 9.41
N THR A 35 -9.82 9.84 8.54
CA THR A 35 -10.21 10.48 7.30
C THR A 35 -11.29 11.54 7.54
N ALA A 36 -11.20 12.64 6.80
CA ALA A 36 -12.21 13.71 6.86
C ALA A 36 -13.43 13.39 5.97
N VAL A 37 -13.24 12.45 5.04
CA VAL A 37 -14.26 12.06 4.07
C VAL A 37 -14.38 10.53 3.95
N ALA A 38 -15.57 10.09 3.55
CA ALA A 38 -15.83 8.69 3.32
C ALA A 38 -17.08 8.49 2.48
N ASP A 39 -17.32 7.27 2.02
CA ASP A 39 -18.59 6.95 1.37
C ASP A 39 -19.76 7.22 2.32
N ASN A 40 -19.55 6.90 3.60
CA ASN A 40 -20.58 7.09 4.66
C ASN A 40 -19.88 7.80 5.83
N PRO A 41 -19.75 9.11 5.74
CA PRO A 41 -18.92 9.86 6.69
C PRO A 41 -19.41 9.78 8.14
N GLY A 42 -20.69 9.52 8.34
CA GLY A 42 -21.22 9.27 9.68
C GLY A 42 -20.64 8.05 10.38
N ASN A 43 -20.04 7.13 9.60
CA ASN A 43 -19.44 5.92 10.14
C ASN A 43 -17.96 6.02 10.46
N ILE A 44 -17.31 7.12 10.11
CA ILE A 44 -15.86 7.25 10.21
C ILE A 44 -15.37 7.02 11.64
N THR A 45 -14.37 6.17 11.77
CA THR A 45 -13.62 5.99 13.00
C THR A 45 -12.13 5.94 12.73
N LEU A 46 -11.34 6.18 13.76
CA LEU A 46 -9.90 6.04 13.68
C LEU A 46 -9.52 4.63 13.21
N SER A 47 -8.60 4.56 12.24
CA SER A 47 -8.23 3.32 11.57
C SER A 47 -6.73 3.14 11.48
N PRO A 48 -6.27 1.90 11.57
CA PRO A 48 -4.84 1.61 11.57
C PRO A 48 -4.18 1.63 10.16
N LEU A 49 -2.91 1.99 10.13
CA LEU A 49 -2.07 1.81 8.95
C LEU A 49 -0.78 1.08 9.27
N LEU A 50 -0.19 0.54 8.23
CA LEU A 50 1.08 -0.15 8.27
C LEU A 50 1.79 0.12 6.95
N GLY A 51 3.05 0.51 7.00
CA GLY A 51 3.83 0.78 5.81
C GLY A 51 5.33 0.60 5.94
N ILE A 52 6.03 0.89 4.84
CA ILE A 52 7.48 0.88 4.76
C ILE A 52 7.97 2.07 3.97
N GLN A 53 9.03 2.70 4.46
CA GLN A 53 9.75 3.73 3.73
C GLN A 53 11.18 3.27 3.50
N HIS A 54 11.85 3.88 2.54
CA HIS A 54 13.28 3.73 2.39
C HIS A 54 13.97 4.56 3.48
N LYS A 55 14.97 3.95 4.10
CA LYS A 55 15.54 4.50 5.33
C LYS A 55 16.67 5.48 5.09
N ARG A 56 17.53 5.18 4.13
CA ARG A 56 18.76 5.94 3.90
C ARG A 56 18.56 7.21 3.08
N ALA A 57 17.55 7.21 2.21
CA ALA A 57 17.38 8.31 1.26
C ALA A 57 16.99 9.58 1.99
N SER A 58 17.50 10.71 1.55
CA SER A 58 17.14 12.00 2.15
C SER A 58 15.70 12.41 1.83
N GLN A 59 15.23 12.00 0.66
CA GLN A 59 13.84 12.25 0.24
C GLN A 59 13.24 10.90 -0.13
N PRO A 60 12.87 10.10 0.86
CA PRO A 60 12.51 8.70 0.60
C PRO A 60 11.14 8.52 -0.07
N THR A 61 11.00 7.46 -0.84
CA THR A 61 9.68 6.98 -1.24
C THR A 61 9.20 6.03 -0.15
N PHE A 62 7.89 5.80 -0.15
CA PHE A 62 7.25 5.00 0.89
C PHE A 62 5.89 4.55 0.38
N GLY A 63 5.31 3.61 1.10
CA GLY A 63 3.95 3.21 0.91
C GLY A 63 3.34 2.81 2.23
N PHE A 64 2.00 2.87 2.30
CA PHE A 64 1.26 2.31 3.43
C PHE A 64 -0.15 1.90 3.08
N THR A 65 -0.67 1.00 3.90
CA THR A 65 -2.00 0.47 3.77
C THR A 65 -2.82 0.97 4.96
N VAL A 66 -4.00 1.49 4.68
CA VAL A 66 -4.99 1.81 5.70
C VAL A 66 -6.11 0.78 5.70
N HIS A 67 -6.25 0.06 6.82
CA HIS A 67 -7.37 -0.86 7.01
C HIS A 67 -8.52 -0.10 7.66
N TRP A 68 -9.54 0.27 6.88
CA TRP A 68 -10.62 1.10 7.41
C TRP A 68 -11.41 0.25 8.39
N ASN A 69 -11.62 0.77 9.60
CA ASN A 69 -12.31 -0.02 10.64
C ASN A 69 -13.82 0.04 10.53
N PHE A 70 -14.35 0.84 9.61
CA PHE A 70 -15.78 1.12 9.52
C PHE A 70 -16.37 0.79 8.16
N SER A 71 -15.56 0.15 7.31
CA SER A 71 -16.06 -0.37 6.05
C SER A 71 -15.22 -1.56 5.59
N GLU A 72 -15.67 -2.23 4.55
CA GLU A 72 -14.94 -3.39 4.02
C GLU A 72 -13.85 -3.00 3.01
N SER A 73 -13.67 -1.70 2.83
CA SER A 73 -12.64 -1.13 1.95
C SER A 73 -11.23 -1.09 2.52
N THR A 74 -10.24 -0.98 1.64
CA THR A 74 -8.85 -0.74 1.99
C THR A 74 -8.29 0.36 1.08
N THR A 75 -7.43 1.22 1.60
CA THR A 75 -6.69 2.17 0.76
C THR A 75 -5.21 1.95 0.88
N VAL A 76 -4.51 2.08 -0.24
CA VAL A 76 -3.09 2.17 -0.20
C VAL A 76 -2.62 3.52 -0.72
N PHE A 77 -1.59 4.04 -0.09
CA PHE A 77 -0.97 5.32 -0.46
C PHE A 77 0.48 5.04 -0.81
N THR A 78 1.01 5.71 -1.83
CA THR A 78 2.43 5.70 -2.06
C THR A 78 2.90 7.06 -2.47
N GLY A 79 4.12 7.39 -2.15
CA GLY A 79 4.61 8.71 -2.48
C GLY A 79 6.03 8.94 -2.05
N GLN A 80 6.39 10.21 -2.00
CA GLN A 80 7.74 10.65 -1.68
C GLN A 80 7.68 11.84 -0.74
N CYS A 81 8.62 11.87 0.20
CA CYS A 81 8.78 12.98 1.13
C CYS A 81 9.84 13.91 0.54
N PHE A 82 9.48 15.17 0.35
CA PHE A 82 10.40 16.18 -0.17
C PHE A 82 10.69 17.24 0.90
N ILE A 83 11.91 17.76 0.87
CA ILE A 83 12.29 18.86 1.76
C ILE A 83 12.59 20.11 0.93
N ASP A 84 12.05 21.25 1.36
CA ASP A 84 12.33 22.59 0.80
C ASP A 84 13.74 23.07 1.11
N ARG A 85 14.10 24.23 0.54
CA ARG A 85 15.31 24.96 0.96
C ARG A 85 15.22 25.44 2.43
N ASN A 86 13.99 25.66 2.90
CA ASN A 86 13.71 26.07 4.28
C ASN A 86 13.54 24.92 5.29
N GLY A 87 13.67 23.68 4.82
CA GLY A 87 13.53 22.53 5.69
C GLY A 87 12.08 22.07 5.88
N LYS A 88 11.16 22.61 5.09
CA LYS A 88 9.74 22.22 5.19
C LYS A 88 9.49 20.94 4.39
N GLU A 89 8.83 19.99 5.05
CA GLU A 89 8.53 18.69 4.46
C GLU A 89 7.12 18.64 3.85
N VAL A 90 7.01 17.96 2.71
CA VAL A 90 5.72 17.73 2.06
C VAL A 90 5.71 16.27 1.67
N LEU A 91 4.59 15.59 1.91
CA LEU A 91 4.43 14.25 1.34
C LEU A 91 3.55 14.40 0.10
N LYS A 92 4.06 13.98 -1.06
CA LYS A 92 3.26 13.95 -2.28
C LYS A 92 2.88 12.50 -2.49
N THR A 93 1.59 12.21 -2.52
CA THR A 93 1.11 10.84 -2.64
C THR A 93 0.02 10.67 -3.67
N MET A 94 -0.10 9.43 -4.11
CA MET A 94 -1.27 8.94 -4.79
C MET A 94 -1.78 7.70 -4.10
N TRP A 95 -3.05 7.43 -4.29
CA TRP A 95 -3.72 6.36 -3.62
C TRP A 95 -4.64 5.57 -4.52
N LEU A 96 -4.87 4.31 -4.10
CA LEU A 96 -5.91 3.44 -4.62
C LEU A 96 -6.80 3.00 -3.46
N LEU A 97 -8.09 3.20 -3.64
CA LEU A 97 -9.10 2.80 -2.68
C LEU A 97 -9.91 1.65 -3.27
N ARG A 98 -9.75 0.50 -2.63
CA ARG A 98 -10.40 -0.72 -3.03
C ARG A 98 -11.68 -0.95 -2.24
N SER A 99 -12.80 -1.03 -2.93
CA SER A 99 -14.08 -1.44 -2.37
C SER A 99 -14.25 -2.96 -2.43
N SER A 100 -15.01 -3.47 -1.47
CA SER A 100 -15.45 -4.86 -1.48
C SER A 100 -16.62 -5.04 -2.44
N VAL A 101 -16.51 -5.96 -3.38
CA VAL A 101 -17.65 -6.29 -4.26
C VAL A 101 -18.02 -7.75 -4.04
N ASN A 102 -19.22 -8.11 -4.47
CA ASN A 102 -19.82 -9.42 -4.15
C ASN A 102 -19.19 -10.61 -4.81
N ASP A 103 -18.76 -10.43 -6.04
CA ASP A 103 -18.08 -11.47 -6.77
C ASP A 103 -17.26 -10.87 -7.89
N ILE A 104 -16.50 -11.73 -8.53
CA ILE A 104 -15.46 -11.33 -9.48
C ILE A 104 -15.99 -10.57 -10.68
N SER A 105 -17.25 -10.77 -11.04
CA SER A 105 -17.89 -10.05 -12.17
C SER A 105 -18.04 -8.54 -11.96
N TYR A 106 -17.92 -8.08 -10.72
CA TYR A 106 -18.02 -6.67 -10.40
C TYR A 106 -16.61 -6.08 -10.15
N ASP A 107 -15.56 -6.87 -10.34
CA ASP A 107 -14.23 -6.43 -9.98
C ASP A 107 -13.84 -5.15 -10.70
N TRP A 108 -14.28 -5.02 -11.94
CA TRP A 108 -13.96 -3.84 -12.77
C TRP A 108 -14.26 -2.49 -12.10
N LYS A 109 -15.29 -2.43 -11.25
CA LYS A 109 -15.71 -1.15 -10.68
C LYS A 109 -15.19 -0.87 -9.26
N ALA A 110 -14.28 -1.69 -8.79
CA ALA A 110 -13.94 -1.71 -7.36
C ALA A 110 -12.77 -0.82 -6.93
N THR A 111 -12.14 -0.13 -7.86
CA THR A 111 -10.95 0.63 -7.54
C THR A 111 -10.99 2.10 -7.94
N ARG A 112 -10.95 2.95 -6.92
CA ARG A 112 -10.82 4.39 -7.12
C ARG A 112 -9.39 4.84 -6.95
N VAL A 113 -9.05 5.95 -7.65
CA VAL A 113 -7.73 6.52 -7.64
C VAL A 113 -7.78 8.02 -7.31
N GLY A 114 -6.73 8.52 -6.67
CA GLY A 114 -6.63 9.94 -6.37
C GLY A 114 -5.28 10.33 -5.83
N TYR A 115 -5.20 11.57 -5.32
CA TYR A 115 -3.95 12.10 -4.84
C TYR A 115 -4.16 12.75 -3.48
N ASN A 116 -3.08 12.94 -2.73
CA ASN A 116 -3.12 13.81 -1.52
C ASN A 116 -1.76 14.38 -1.26
N ASN A 117 -1.71 15.65 -0.83
CA ASN A 117 -0.49 16.22 -0.31
C ASN A 117 -0.64 16.37 1.21
N PHE A 118 0.40 16.01 1.95
CA PHE A 118 0.39 16.10 3.42
C PHE A 118 1.47 17.09 3.86
N THR A 119 1.16 17.83 4.92
CA THR A 119 2.18 18.61 5.63
C THR A 119 2.09 18.29 7.11
N ARG A 120 3.14 18.63 7.84
N ARG A 120 3.14 18.63 7.84
CA ARG A 120 3.24 18.29 9.26
C ARG A 120 2.28 19.13 10.07
N LEU A 121 1.71 18.54 11.11
CA LEU A 121 0.78 19.27 11.96
C LEU A 121 1.60 20.18 12.90
N SER A 122 2.65 19.62 13.51
CA SER A 122 3.69 20.42 14.16
C SER A 122 5.08 20.05 13.67
N LYS B 3 -13.72 -19.42 3.18
CA LYS B 3 -12.71 -18.39 3.59
C LYS B 3 -11.48 -18.26 2.64
N CYS B 4 -11.21 -17.01 2.24
CA CYS B 4 -10.15 -16.67 1.30
C CYS B 4 -8.97 -16.09 2.08
N SER B 5 -7.89 -16.85 2.22
CA SER B 5 -6.75 -16.44 3.06
C SER B 5 -5.50 -16.12 2.22
N LEU B 6 -4.65 -15.23 2.73
CA LEU B 6 -3.49 -14.73 1.96
C LEU B 6 -2.19 -15.47 2.25
N THR B 7 -2.12 -16.18 3.39
CA THR B 7 -0.91 -16.90 3.79
C THR B 7 -0.56 -17.90 2.70
N GLY B 8 0.71 -18.03 2.35
CA GLY B 8 1.13 -18.99 1.33
C GLY B 8 1.89 -18.37 0.17
N LYS B 9 2.07 -19.14 -0.88
CA LYS B 9 2.85 -18.73 -2.05
C LYS B 9 1.91 -18.47 -3.20
N TRP B 10 2.23 -17.44 -3.99
CA TRP B 10 1.41 -16.94 -5.09
C TRP B 10 2.28 -16.57 -6.27
N THR B 11 1.72 -16.62 -7.46
CA THR B 11 2.36 -16.05 -8.63
C THR B 11 1.37 -15.18 -9.38
N ASN B 12 1.86 -14.19 -10.11
CA ASN B 12 1.00 -13.37 -10.94
C ASN B 12 1.23 -13.54 -12.42
N ASN B 13 0.44 -12.80 -13.19
CA ASN B 13 0.44 -12.86 -14.65
C ASN B 13 1.74 -12.44 -15.35
N LEU B 14 2.62 -11.75 -14.63
CA LEU B 14 3.98 -11.42 -15.10
C LEU B 14 5.05 -12.44 -14.73
N GLY B 15 4.72 -13.41 -13.89
CA GLY B 15 5.67 -14.40 -13.41
C GLY B 15 6.34 -14.12 -12.09
N SER B 16 5.96 -13.01 -11.43
CA SER B 16 6.45 -12.74 -10.11
C SER B 16 5.93 -13.74 -9.08
N ILE B 17 6.70 -13.91 -8.01
CA ILE B 17 6.33 -14.81 -6.92
C ILE B 17 6.26 -14.05 -5.62
N MET B 18 5.22 -14.24 -4.86
CA MET B 18 5.23 -13.72 -3.51
C MET B 18 4.80 -14.75 -2.49
N THR B 19 5.39 -14.63 -1.31
CA THR B 19 5.16 -15.50 -0.17
C THR B 19 4.68 -14.65 0.97
N ILE B 20 3.48 -14.94 1.45
CA ILE B 20 2.95 -14.26 2.63
C ILE B 20 2.93 -15.21 3.82
N ARG B 21 3.44 -14.71 4.94
CA ARG B 21 3.53 -15.45 6.20
C ARG B 21 2.18 -15.40 6.93
N ALA B 22 2.17 -15.79 8.21
CA ALA B 22 0.94 -15.83 8.99
C ALA B 22 0.25 -14.47 9.08
N VAL B 23 -1.07 -14.47 8.95
CA VAL B 23 -1.86 -13.25 9.15
C VAL B 23 -2.27 -13.23 10.62
N ASN B 24 -1.92 -12.16 11.34
CA ASN B 24 -2.26 -12.06 12.76
C ASN B 24 -3.73 -11.70 12.99
N SER B 25 -4.13 -11.44 14.24
CA SER B 25 -5.55 -11.26 14.54
C SER B 25 -6.08 -9.89 14.10
N ARG B 26 -5.15 -8.94 13.92
CA ARG B 26 -5.47 -7.63 13.33
C ARG B 26 -5.43 -7.61 11.77
N GLY B 27 -5.17 -8.75 11.14
CA GLY B 27 -5.11 -8.87 9.70
C GLY B 27 -3.77 -8.46 9.11
N GLU B 28 -2.77 -8.20 9.95
CA GLU B 28 -1.46 -7.78 9.46
C GLU B 28 -0.65 -8.99 8.98
N PHE B 29 0.14 -8.80 7.93
CA PHE B 29 1.02 -9.85 7.42
C PHE B 29 2.33 -9.28 6.87
N THR B 30 3.37 -10.11 6.90
CA THR B 30 4.63 -9.80 6.24
C THR B 30 4.80 -10.81 5.15
N GLY B 31 5.79 -10.57 4.32
CA GLY B 31 6.11 -11.47 3.24
C GLY B 31 7.32 -11.06 2.45
N THR B 32 7.51 -11.77 1.35
CA THR B 32 8.57 -11.47 0.40
C THR B 32 8.00 -11.50 -1.01
N TYR B 33 8.64 -10.76 -1.89
CA TYR B 33 8.20 -10.55 -3.23
C TYR B 33 9.38 -10.65 -4.15
N LEU B 34 9.28 -11.54 -5.12
CA LEU B 34 10.28 -11.70 -6.18
C LEU B 34 9.68 -11.29 -7.51
N THR B 35 10.01 -10.08 -7.98
CA THR B 35 9.42 -9.61 -9.22
C THR B 35 10.13 -10.25 -10.41
N ALA B 36 9.38 -10.55 -11.44
CA ALA B 36 9.93 -11.08 -12.68
C ALA B 36 10.42 -9.95 -13.59
N VAL B 37 9.99 -8.71 -13.29
CA VAL B 37 10.27 -7.56 -14.14
C VAL B 37 10.69 -6.34 -13.29
N ALA B 38 11.48 -5.46 -13.87
CA ALA B 38 11.89 -4.21 -13.22
C ALA B 38 12.40 -3.21 -14.26
N ASP B 39 12.60 -1.98 -13.81
CA ASP B 39 13.31 -1.00 -14.63
C ASP B 39 14.70 -1.52 -15.02
N ASN B 40 15.38 -2.15 -14.05
CA ASN B 40 16.69 -2.77 -14.27
C ASN B 40 16.66 -4.22 -13.78
N PRO B 41 16.19 -5.12 -14.64
CA PRO B 41 15.90 -6.50 -14.20
C PRO B 41 17.14 -7.27 -13.75
N GLY B 42 18.31 -6.81 -14.20
CA GLY B 42 19.60 -7.35 -13.75
C GLY B 42 19.94 -7.13 -12.29
N ASN B 43 19.26 -6.17 -11.64
CA ASN B 43 19.43 -5.86 -10.24
C ASN B 43 18.46 -6.54 -9.28
N ILE B 44 17.46 -7.25 -9.80
CA ILE B 44 16.39 -7.74 -8.95
C ILE B 44 16.91 -8.60 -7.80
N THR B 45 16.39 -8.31 -6.60
CA THR B 45 16.58 -9.16 -5.44
C THR B 45 15.24 -9.35 -4.72
N LEU B 46 15.20 -10.37 -3.88
CA LEU B 46 14.05 -10.66 -3.05
C LEU B 46 13.80 -9.47 -2.12
N SER B 47 12.54 -9.04 -2.02
CA SER B 47 12.22 -7.79 -1.34
C SER B 47 11.08 -8.00 -0.37
N PRO B 48 11.10 -7.32 0.78
CA PRO B 48 10.06 -7.50 1.79
C PRO B 48 8.76 -6.72 1.49
N LEU B 49 7.66 -7.25 2.01
CA LEU B 49 6.36 -6.60 1.95
C LEU B 49 5.74 -6.61 3.33
N LEU B 50 4.78 -5.70 3.51
CA LEU B 50 4.04 -5.56 4.74
C LEU B 50 2.64 -5.07 4.37
N GLY B 51 1.60 -5.69 4.91
CA GLY B 51 0.25 -5.29 4.59
C GLY B 51 -0.81 -5.66 5.61
N ILE B 52 -2.04 -5.32 5.28
CA ILE B 52 -3.20 -5.61 6.12
C ILE B 52 -4.35 -6.09 5.29
N GLN B 53 -5.03 -7.15 5.75
CA GLN B 53 -6.27 -7.59 5.17
C GLN B 53 -7.40 -7.46 6.18
N HIS B 54 -8.62 -7.46 5.69
CA HIS B 54 -9.75 -7.59 6.56
C HIS B 54 -9.85 -9.07 6.96
N LYS B 55 -10.15 -9.31 8.22
CA LYS B 55 -9.99 -10.64 8.81
C LYS B 55 -11.24 -11.49 8.64
N ARG B 56 -12.38 -10.88 8.89
CA ARG B 56 -13.64 -11.62 9.01
C ARG B 56 -14.34 -11.89 7.69
N ALA B 57 -14.16 -11.03 6.70
CA ALA B 57 -14.81 -11.22 5.40
C ALA B 57 -14.37 -12.51 4.72
N SER B 58 -15.28 -13.19 4.03
CA SER B 58 -14.91 -14.41 3.33
C SER B 58 -14.15 -14.13 2.03
N GLN B 59 -14.39 -12.96 1.44
CA GLN B 59 -13.63 -12.49 0.27
C GLN B 59 -13.06 -11.11 0.63
N PRO B 60 -12.00 -11.09 1.42
CA PRO B 60 -11.50 -9.83 2.02
C PRO B 60 -10.79 -8.91 0.99
N THR B 61 -10.89 -7.62 1.21
CA THR B 61 -9.99 -6.67 0.54
C THR B 61 -8.72 -6.57 1.41
N PHE B 62 -7.64 -6.08 0.81
CA PHE B 62 -6.37 -6.00 1.48
C PHE B 62 -5.52 -4.99 0.73
N GLY B 63 -4.41 -4.65 1.35
CA GLY B 63 -3.35 -3.86 0.73
C GLY B 63 -2.00 -4.29 1.25
N PHE B 64 -0.96 -4.05 0.47
CA PHE B 64 0.39 -4.21 0.94
C PHE B 64 1.37 -3.31 0.22
N THR B 65 2.49 -3.05 0.87
CA THR B 65 3.60 -2.29 0.37
C THR B 65 4.79 -3.20 0.16
N VAL B 66 5.43 -3.07 -1.01
CA VAL B 66 6.72 -3.73 -1.29
C VAL B 66 7.85 -2.70 -1.29
N HIS B 67 8.80 -2.88 -0.36
CA HIS B 67 9.98 -2.04 -0.27
C HIS B 67 11.05 -2.73 -1.12
N TRP B 68 11.23 -2.27 -2.35
CA TRP B 68 12.21 -2.91 -3.22
C TRP B 68 13.61 -2.75 -2.65
N ASN B 69 14.31 -3.87 -2.52
CA ASN B 69 15.65 -3.87 -1.94
C ASN B 69 16.75 -3.46 -2.90
N PHE B 70 16.41 -3.23 -4.15
CA PHE B 70 17.37 -3.02 -5.22
C PHE B 70 17.13 -1.72 -5.98
N SER B 71 16.18 -0.93 -5.49
CA SER B 71 15.98 0.40 -6.09
C SER B 71 15.37 1.33 -5.06
N GLU B 72 15.21 2.59 -5.44
CA GLU B 72 14.67 3.60 -4.53
C GLU B 72 13.15 3.70 -4.63
N SER B 73 12.56 2.82 -5.44
CA SER B 73 11.12 2.82 -5.69
C SER B 73 10.36 2.05 -4.62
N THR B 74 9.05 2.24 -4.59
CA THR B 74 8.13 1.50 -3.70
C THR B 74 6.89 1.19 -4.52
N THR B 75 6.33 0.00 -4.34
CA THR B 75 5.05 -0.31 -4.91
C THR B 75 4.02 -0.62 -3.85
N VAL B 76 2.78 -0.17 -4.05
CA VAL B 76 1.65 -0.62 -3.23
C VAL B 76 0.66 -1.36 -4.10
N PHE B 77 0.12 -2.46 -3.57
CA PHE B 77 -0.92 -3.26 -4.21
C PHE B 77 -2.20 -3.21 -3.34
N THR B 78 -3.37 -3.09 -3.94
CA THR B 78 -4.61 -3.32 -3.24
C THR B 78 -5.53 -4.15 -4.08
N GLY B 79 -6.39 -4.93 -3.41
CA GLY B 79 -7.32 -5.73 -4.15
C GLY B 79 -8.18 -6.57 -3.24
N GLN B 80 -8.71 -7.64 -3.82
CA GLN B 80 -9.67 -8.50 -3.12
C GLN B 80 -9.35 -9.95 -3.48
N CYS B 81 -9.52 -10.81 -2.49
CA CYS B 81 -9.38 -12.26 -2.67
C CYS B 81 -10.78 -12.86 -2.92
N PHE B 82 -10.95 -13.51 -4.06
CA PHE B 82 -12.22 -14.12 -4.46
C PHE B 82 -12.07 -15.64 -4.43
N ILE B 83 -13.14 -16.34 -4.07
CA ILE B 83 -13.14 -17.82 -4.11
C ILE B 83 -14.29 -18.25 -5.01
N ASP B 84 -14.05 -19.15 -5.97
CA ASP B 84 -15.15 -19.68 -6.80
C ASP B 84 -15.81 -20.92 -6.15
N ARG B 85 -16.73 -21.57 -6.88
CA ARG B 85 -17.40 -22.81 -6.45
C ARG B 85 -16.47 -23.92 -5.93
N ASN B 86 -15.31 -24.05 -6.57
CA ASN B 86 -14.35 -25.14 -6.31
C ASN B 86 -13.38 -24.86 -5.16
N GLY B 87 -13.51 -23.71 -4.51
CA GLY B 87 -12.57 -23.28 -3.49
C GLY B 87 -11.29 -22.68 -4.07
N LYS B 88 -11.26 -22.44 -5.39
CA LYS B 88 -10.08 -21.85 -6.04
C LYS B 88 -10.03 -20.34 -5.79
N GLU B 89 -8.88 -19.88 -5.29
CA GLU B 89 -8.69 -18.47 -4.89
C GLU B 89 -7.96 -17.67 -5.98
N VAL B 90 -8.37 -16.42 -6.15
CA VAL B 90 -7.66 -15.50 -7.05
C VAL B 90 -7.58 -14.15 -6.36
N LEU B 91 -6.41 -13.52 -6.43
CA LEU B 91 -6.28 -12.13 -5.98
C LEU B 91 -6.36 -11.23 -7.21
N LYS B 92 -7.33 -10.32 -7.22
CA LYS B 92 -7.44 -9.31 -8.26
C LYS B 92 -6.90 -8.03 -7.63
N THR B 93 -5.86 -7.45 -8.24
CA THR B 93 -5.14 -6.32 -7.64
C THR B 93 -4.88 -5.24 -8.67
N MET B 94 -4.75 -4.03 -8.14
CA MET B 94 -4.18 -2.92 -8.87
C MET B 94 -3.03 -2.36 -8.04
N TRP B 95 -2.10 -1.70 -8.70
CA TRP B 95 -0.93 -1.22 -8.06
C TRP B 95 -0.52 0.17 -8.51
N LEU B 96 0.22 0.84 -7.62
CA LEU B 96 0.94 2.08 -7.91
C LEU B 96 2.40 1.87 -7.60
N LEU B 97 3.26 2.16 -8.57
CA LEU B 97 4.71 2.09 -8.47
C LEU B 97 5.27 3.51 -8.44
N ARG B 98 5.82 3.91 -7.28
CA ARG B 98 6.40 5.22 -7.08
C ARG B 98 7.88 5.18 -7.30
N SER B 99 8.35 5.98 -8.26
CA SER B 99 9.78 6.22 -8.46
C SER B 99 10.23 7.38 -7.59
N SER B 100 11.52 7.35 -7.28
CA SER B 100 12.19 8.45 -6.61
C SER B 100 12.59 9.49 -7.64
N VAL B 101 12.15 10.72 -7.45
CA VAL B 101 12.62 11.80 -8.31
C VAL B 101 13.43 12.81 -7.49
N ASN B 102 14.19 13.63 -8.20
CA ASN B 102 15.18 14.52 -7.59
C ASN B 102 14.63 15.66 -6.78
N ASP B 103 13.49 16.16 -7.20
CA ASP B 103 12.83 17.23 -6.50
C ASP B 103 11.40 17.35 -6.92
N ILE B 104 10.68 18.19 -6.21
CA ILE B 104 9.24 18.21 -6.26
C ILE B 104 8.73 18.61 -7.64
N SER B 105 9.55 19.30 -8.45
CA SER B 105 9.14 19.69 -9.79
C SER B 105 8.98 18.52 -10.76
N TYR B 106 9.56 17.37 -10.42
CA TYR B 106 9.44 16.16 -11.21
C TYR B 106 8.34 15.22 -10.67
N ASP B 107 7.63 15.61 -9.63
CA ASP B 107 6.66 14.72 -8.99
C ASP B 107 5.62 14.18 -9.95
N TRP B 108 5.24 15.00 -10.94
CA TRP B 108 4.19 14.64 -11.91
C TRP B 108 4.48 13.34 -12.64
N LYS B 109 5.74 12.99 -12.81
CA LYS B 109 6.05 11.80 -13.63
C LYS B 109 6.42 10.58 -12.82
N ALA B 110 6.23 10.63 -11.52
CA ALA B 110 6.81 9.65 -10.61
C ALA B 110 5.94 8.42 -10.31
N THR B 111 4.71 8.36 -10.83
CA THR B 111 3.78 7.27 -10.45
C THR B 111 3.23 6.49 -11.65
N ARG B 112 3.55 5.19 -11.69
CA ARG B 112 2.97 4.29 -12.66
C ARG B 112 1.86 3.49 -12.02
N VAL B 113 0.94 3.06 -12.85
CA VAL B 113 -0.21 2.27 -12.42
C VAL B 113 -0.33 1.02 -13.26
N GLY B 114 -0.89 -0.03 -12.68
CA GLY B 114 -1.13 -1.26 -13.40
C GLY B 114 -2.01 -2.22 -12.60
N TYR B 115 -2.08 -3.45 -13.10
CA TYR B 115 -2.92 -4.50 -12.49
C TYR B 115 -2.10 -5.78 -12.38
N ASN B 116 -2.56 -6.70 -11.55
CA ASN B 116 -2.00 -8.05 -11.50
C ASN B 116 -3.08 -8.97 -10.96
N ASN B 117 -3.19 -10.15 -11.56
CA ASN B 117 -3.95 -11.24 -10.95
C ASN B 117 -3.00 -12.32 -10.41
N PHE B 118 -3.26 -12.78 -9.20
CA PHE B 118 -2.43 -13.80 -8.54
C PHE B 118 -3.23 -15.08 -8.28
N THR B 119 -2.57 -16.22 -8.48
CA THR B 119 -3.10 -17.54 -8.07
C THR B 119 -2.04 -18.26 -7.25
N ARG B 120 -2.47 -19.27 -6.48
CA ARG B 120 -1.57 -19.94 -5.53
C ARG B 120 -0.55 -20.81 -6.29
N LEU B 121 0.65 -20.89 -5.73
CA LEU B 121 1.78 -21.65 -6.29
C LEU B 121 2.07 -22.81 -5.34
N SER B 122 2.11 -24.02 -5.88
CA SER B 122 1.93 -25.27 -5.11
C SER B 122 0.60 -25.25 -4.35
#